data_3BYN
#
_entry.id   3BYN
#
_cell.length_a   51.211
_cell.length_b   66.700
_cell.length_c   124.042
_cell.angle_alpha   90.000
_cell.angle_beta   90.000
_cell.angle_gamma   90.000
#
_symmetry.space_group_name_H-M   'P 21 21 21'
#
loop_
_entity.id
_entity.type
_entity.pdbx_description
1 polymer Levansucrase
2 branched alpha-D-galactopyranose-(1-6)-alpha-D-glucopyranose-(1-2)-beta-D-fructofuranose
3 non-polymer 'CALCIUM ION'
4 water water
#
_entity_poly.entity_id   1
_entity_poly.type   'polypeptide(L)'
_entity_poly.pdbx_seq_one_letter_code
;MNIKKFAKQATVLTFTTALLAGGATQAFAKETNQKPYKETYGISHITRHDMLQIPEQQKNEKYQVPEFDSSTIKNISSAK
GLDVWDSWPLQNADGTVANYHGYHIVFALAGDPKNADDTSIYMFYQKVGETSIDSWKNAGRVFKDSDKFDANDSILKDQT
QEWSGSATFTSDGKIRLFYTDFSGKHYGKQTLTTAQVNVSASDSSLNINGVEDYKSIFDGDGKTYQNVQQFIDEGNYSSG
DNHTLRDPHYVEDKGHKYLVFEANTGTEDGYQGEESLFNKAYYGKSTSFFRQESQKLLQSDKKRTAELANGALGMIELND
DYTLKKVMKPLIASNTVTDEIARANVFKMNGKWYLFTDSRGSKMTIDGITSNDIYMLGYVSNSLTGPYKPLNKTGLVLKM
DLDPNDVTFTYSHFAVPQAKGNNVVITSYMTNRGFYADKQSTFAPSFLLNIKGKKTSVVKDSILEQGQLTVNK
;
_entity_poly.pdbx_strand_id   A
#
loop_
_chem_comp.id
_chem_comp.type
_chem_comp.name
_chem_comp.formula
CA non-polymer 'CALCIUM ION' 'Ca 2'
FRU D-saccharide, beta linking beta-D-fructofuranose 'C6 H12 O6'
GLA D-saccharide, alpha linking alpha-D-galactopyranose 'C6 H12 O6'
GLC D-saccharide, alpha linking alpha-D-glucopyranose 'C6 H12 O6'
#
# COMPACT_ATOMS: atom_id res chain seq x y z
N GLN A 34 19.28 -0.78 29.27
CA GLN A 34 20.10 -0.65 28.03
C GLN A 34 20.59 0.78 27.83
N LYS A 35 21.82 0.92 27.34
CA LYS A 35 22.41 2.23 27.07
C LYS A 35 21.88 2.81 25.75
N PRO A 36 21.69 4.15 25.70
CA PRO A 36 21.27 4.81 24.47
C PRO A 36 22.31 4.72 23.36
N TYR A 37 21.84 4.63 22.12
CA TYR A 37 22.70 4.61 20.95
C TYR A 37 22.01 5.26 19.75
N LYS A 38 22.73 5.40 18.65
CA LYS A 38 22.17 5.93 17.42
C LYS A 38 22.70 5.14 16.22
N GLU A 39 21.76 4.57 15.46
CA GLU A 39 22.10 3.83 14.25
C GLU A 39 20.97 3.96 13.22
N THR A 40 21.29 4.54 12.07
CA THR A 40 20.32 4.72 10.99
C THR A 40 20.24 3.53 10.05
N TYR A 41 21.28 2.69 10.05
CA TYR A 41 21.42 1.57 9.11
C TYR A 41 21.50 2.03 7.66
N GLY A 42 21.79 3.32 7.47
CA GLY A 42 21.92 3.92 6.15
C GLY A 42 20.59 4.14 5.44
N ILE A 43 19.50 4.07 6.18
CA ILE A 43 18.16 4.23 5.61
C ILE A 43 17.37 5.37 6.26
N SER A 44 16.24 5.74 5.66
CA SER A 44 15.36 6.77 6.20
C SER A 44 14.44 6.21 7.27
N HIS A 45 13.95 7.09 8.15
CA HIS A 45 13.12 6.67 9.27
C HIS A 45 11.94 7.59 9.51
N ILE A 46 10.79 6.97 9.79
CA ILE A 46 9.63 7.69 10.28
C ILE A 46 9.88 7.88 11.78
N THR A 47 10.19 9.11 12.16
CA THR A 47 10.61 9.41 13.53
C THR A 47 9.44 9.81 14.43
N ARG A 48 9.59 9.52 15.73
CA ARG A 48 8.57 9.86 16.72
C ARG A 48 8.31 11.36 16.75
N HIS A 49 9.36 12.15 16.60
CA HIS A 49 9.24 13.61 16.65
C HIS A 49 8.37 14.16 15.50
N ASP A 50 8.56 13.63 14.31
CA ASP A 50 7.77 14.04 13.15
C ASP A 50 6.31 13.66 13.32
N MET A 51 6.06 12.43 13.76
CA MET A 51 4.70 11.92 13.95
C MET A 51 3.92 12.68 15.01
N LEU A 52 4.63 13.17 16.03
CA LEU A 52 4.01 13.94 17.11
C LEU A 52 3.50 15.30 16.64
N GLN A 53 4.02 15.78 15.52
CA GLN A 53 3.59 17.06 14.95
C GLN A 53 2.27 16.93 14.21
N ILE A 54 1.92 15.71 13.84
CA ILE A 54 0.77 15.46 12.97
C ILE A 54 -0.61 15.80 13.58
N PRO A 55 -0.89 15.42 14.85
CA PRO A 55 -2.18 15.79 15.45
C PRO A 55 -2.60 17.26 15.29
N GLU A 56 -1.66 18.19 15.46
CA GLU A 56 -1.95 19.62 15.27
C GLU A 56 -2.04 19.99 13.78
N GLN A 57 -1.13 19.44 12.99
CA GLN A 57 -1.03 19.77 11.56
C GLN A 57 -2.24 19.29 10.74
N GLN A 58 -2.80 18.12 11.11
CA GLN A 58 -3.90 17.50 10.37
C GLN A 58 -5.23 18.27 10.44
N LYS A 59 -5.27 19.30 11.27
CA LYS A 59 -6.42 20.19 11.36
C LYS A 59 -6.51 21.13 10.15
N ASN A 60 -5.40 21.24 9.42
CA ASN A 60 -5.35 22.01 8.18
C ASN A 60 -6.00 21.22 7.05
N GLU A 61 -7.03 21.80 6.45
CA GLU A 61 -7.78 21.18 5.35
C GLU A 61 -6.94 20.80 4.13
N LYS A 62 -5.76 21.41 3.98
CA LYS A 62 -4.78 21.01 2.97
C LYS A 62 -4.43 19.53 3.01
N TYR A 63 -4.51 18.94 4.20
CA TYR A 63 -4.06 17.56 4.41
C TYR A 63 -5.20 16.60 4.75
N GLN A 64 -6.42 16.99 4.39
CA GLN A 64 -7.61 16.23 4.76
C GLN A 64 -8.33 15.64 3.55
N VAL A 65 -8.64 14.35 3.63
CA VAL A 65 -9.56 13.71 2.69
C VAL A 65 -10.88 14.52 2.73
N PRO A 66 -11.37 14.95 1.55
CA PRO A 66 -12.57 15.80 1.56
C PRO A 66 -13.82 15.04 1.95
N GLU A 67 -14.82 15.76 2.46
CA GLU A 67 -16.11 15.18 2.78
C GLU A 67 -16.79 14.69 1.51
N PHE A 68 -17.35 13.50 1.57
CA PHE A 68 -18.06 12.93 0.42
C PHE A 68 -19.58 12.98 0.63
N ASP A 69 -20.31 12.91 -0.48
CA ASP A 69 -21.77 12.99 -0.47
C ASP A 69 -22.34 11.57 -0.61
N SER A 70 -22.85 11.03 0.50
CA SER A 70 -23.37 9.65 0.56
C SER A 70 -24.49 9.33 -0.44
N SER A 71 -25.31 10.32 -0.78
CA SER A 71 -26.42 10.10 -1.71
C SER A 71 -26.00 9.96 -3.18
N THR A 72 -24.70 10.12 -3.44
CA THR A 72 -24.15 9.93 -4.79
C THR A 72 -23.47 8.57 -4.93
N ILE A 73 -23.36 7.85 -3.82
CA ILE A 73 -22.53 6.64 -3.73
C ILE A 73 -23.30 5.39 -4.17
N LYS A 74 -22.70 4.66 -5.11
CA LYS A 74 -23.25 3.41 -5.62
C LYS A 74 -22.28 2.25 -5.39
N ASN A 75 -22.84 1.05 -5.26
CA ASN A 75 -22.06 -0.17 -5.34
C ASN A 75 -21.58 -0.35 -6.77
N ILE A 76 -20.49 -1.08 -6.95
CA ILE A 76 -20.02 -1.46 -8.28
C ILE A 76 -21.04 -2.45 -8.85
N SER A 77 -21.80 -1.99 -9.85
CA SER A 77 -22.92 -2.75 -10.41
C SER A 77 -22.51 -4.13 -10.92
N SER A 78 -21.30 -4.22 -11.47
CA SER A 78 -20.80 -5.47 -12.05
C SER A 78 -20.20 -6.42 -11.01
N ALA A 79 -20.03 -5.93 -9.78
CA ALA A 79 -19.42 -6.71 -8.70
C ALA A 79 -20.41 -7.66 -8.05
N LYS A 80 -21.70 -7.35 -8.20
CA LYS A 80 -22.80 -8.26 -7.85
C LYS A 80 -22.82 -8.76 -6.39
N GLY A 81 -22.94 -7.83 -5.45
CA GLY A 81 -23.06 -8.19 -4.03
C GLY A 81 -21.75 -8.43 -3.29
N LEU A 82 -20.62 -8.30 -3.98
CA LEU A 82 -19.31 -8.47 -3.37
C LEU A 82 -18.79 -7.16 -2.77
N ASP A 83 -18.04 -7.28 -1.67
CA ASP A 83 -17.23 -6.16 -1.19
C ASP A 83 -16.03 -6.00 -2.13
N VAL A 84 -15.79 -4.77 -2.55
CA VAL A 84 -14.62 -4.48 -3.37
C VAL A 84 -13.77 -3.41 -2.68
N TRP A 85 -12.59 -3.80 -2.20
CA TRP A 85 -11.75 -2.85 -1.47
C TRP A 85 -10.46 -2.47 -2.18
N ASP A 86 -9.30 -2.71 -1.58
CA ASP A 86 -8.00 -2.36 -2.18
C ASP A 86 -7.99 -2.53 -3.70
N SER A 87 -7.74 -1.44 -4.42
CA SER A 87 -7.67 -1.51 -5.88
C SER A 87 -6.45 -0.80 -6.42
N TRP A 88 -6.02 -1.20 -7.62
CA TRP A 88 -4.89 -0.59 -8.29
C TRP A 88 -5.06 -0.66 -9.80
N PRO A 89 -4.69 0.43 -10.50
CA PRO A 89 -4.84 0.42 -11.96
C PRO A 89 -3.71 -0.32 -12.65
N LEU A 90 -3.97 -0.79 -13.88
CA LEU A 90 -2.88 -1.22 -14.74
C LEU A 90 -2.11 0.04 -15.08
N GLN A 91 -0.80 0.02 -14.82
CA GLN A 91 0.03 1.20 -14.97
C GLN A 91 1.13 0.99 -16.02
N ASN A 92 1.54 2.07 -16.67
CA ASN A 92 2.78 2.06 -17.45
C ASN A 92 3.96 2.06 -16.48
N ALA A 93 5.17 1.82 -16.98
CA ALA A 93 6.36 1.70 -16.11
C ALA A 93 6.56 2.90 -15.16
N ASP A 94 6.20 4.10 -15.61
CA ASP A 94 6.33 5.32 -14.79
C ASP A 94 5.18 5.56 -13.81
N GLY A 95 4.16 4.71 -13.86
CA GLY A 95 3.04 4.81 -12.93
C GLY A 95 1.79 5.43 -13.53
N THR A 96 1.92 6.04 -14.71
CA THR A 96 0.75 6.59 -15.41
C THR A 96 -0.20 5.45 -15.80
N VAL A 97 -1.49 5.77 -15.93
CA VAL A 97 -2.52 4.76 -16.24
C VAL A 97 -2.32 4.20 -17.65
N ALA A 98 -2.27 2.87 -17.74
CA ALA A 98 -2.08 2.19 -19.01
C ALA A 98 -3.34 2.18 -19.86
N ASN A 99 -3.15 2.14 -21.17
CA ASN A 99 -4.25 1.94 -22.10
C ASN A 99 -4.10 0.58 -22.77
N TYR A 100 -4.92 -0.38 -22.33
CA TYR A 100 -4.93 -1.72 -22.90
C TYR A 100 -5.99 -1.84 -23.99
N HIS A 101 -5.55 -1.77 -25.24
CA HIS A 101 -6.42 -1.97 -26.41
C HIS A 101 -7.71 -1.15 -26.36
N GLY A 102 -7.59 0.08 -25.83
CA GLY A 102 -8.72 1.00 -25.74
C GLY A 102 -9.42 1.03 -24.40
N TYR A 103 -8.89 0.27 -23.44
CA TYR A 103 -9.51 0.12 -22.12
C TYR A 103 -8.60 0.55 -20.97
N HIS A 104 -9.20 1.03 -19.89
CA HIS A 104 -8.52 1.07 -18.59
C HIS A 104 -8.84 -0.21 -17.84
N ILE A 105 -7.87 -0.67 -17.05
CA ILE A 105 -8.00 -1.90 -16.28
C ILE A 105 -7.68 -1.61 -14.82
N VAL A 106 -8.57 -2.06 -13.93
CA VAL A 106 -8.35 -1.95 -12.48
C VAL A 106 -8.46 -3.32 -11.82
N PHE A 107 -7.41 -3.71 -11.11
CA PHE A 107 -7.45 -4.91 -10.28
C PHE A 107 -7.89 -4.54 -8.87
N ALA A 108 -8.73 -5.38 -8.27
CA ALA A 108 -9.26 -5.08 -6.94
C ALA A 108 -9.46 -6.34 -6.11
N LEU A 109 -9.24 -6.22 -4.80
CA LEU A 109 -9.60 -7.29 -3.87
C LEU A 109 -11.10 -7.29 -3.72
N ALA A 110 -11.70 -8.47 -3.81
CA ALA A 110 -13.15 -8.62 -3.70
C ALA A 110 -13.49 -9.97 -3.07
N GLY A 111 -14.64 -10.03 -2.41
CA GLY A 111 -15.10 -11.25 -1.76
C GLY A 111 -16.42 -11.12 -1.02
N ASP A 112 -16.83 -12.22 -0.41
CA ASP A 112 -18.09 -12.28 0.34
C ASP A 112 -18.04 -11.42 1.61
N PRO A 113 -18.91 -10.39 1.69
CA PRO A 113 -19.01 -9.55 2.89
C PRO A 113 -19.16 -10.35 4.20
N LYS A 114 -19.77 -11.54 4.11
CA LYS A 114 -19.95 -12.43 5.26
C LYS A 114 -18.69 -13.19 5.68
N ASN A 115 -17.69 -13.25 4.81
CA ASN A 115 -16.46 -14.00 5.08
C ASN A 115 -15.20 -13.14 4.90
N ALA A 116 -14.65 -12.69 6.02
CA ALA A 116 -13.47 -11.81 6.03
C ALA A 116 -12.21 -12.46 5.43
N ASP A 117 -12.20 -13.79 5.39
CA ASP A 117 -11.06 -14.54 4.85
C ASP A 117 -11.28 -14.95 3.39
N ASP A 118 -12.33 -14.41 2.77
CA ASP A 118 -12.59 -14.60 1.34
C ASP A 118 -12.06 -13.39 0.57
N THR A 119 -10.86 -13.54 0.01
CA THR A 119 -10.19 -12.46 -0.71
C THR A 119 -9.55 -13.00 -2.00
N SER A 120 -10.03 -12.51 -3.14
CA SER A 120 -9.49 -12.84 -4.46
C SER A 120 -9.30 -11.55 -5.26
N ILE A 121 -8.41 -11.60 -6.26
CA ILE A 121 -8.23 -10.46 -7.16
C ILE A 121 -9.18 -10.59 -8.34
N TYR A 122 -9.96 -9.53 -8.57
CA TYR A 122 -10.85 -9.42 -9.72
C TYR A 122 -10.30 -8.36 -10.67
N MET A 123 -10.64 -8.47 -11.95
CA MET A 123 -10.22 -7.48 -12.94
C MET A 123 -11.41 -6.72 -13.51
N PHE A 124 -11.46 -5.43 -13.23
CA PHE A 124 -12.49 -4.55 -13.76
C PHE A 124 -11.93 -3.75 -14.94
N TYR A 125 -12.80 -3.36 -15.87
CA TYR A 125 -12.39 -2.57 -17.03
C TYR A 125 -13.49 -1.64 -17.56
N GLN A 126 -13.03 -0.53 -18.13
CA GLN A 126 -13.89 0.47 -18.76
C GLN A 126 -13.22 0.88 -20.08
N LYS A 127 -14.01 1.38 -21.02
CA LYS A 127 -13.46 2.01 -22.22
C LYS A 127 -12.84 3.36 -21.85
N VAL A 128 -11.68 3.65 -22.44
CA VAL A 128 -10.99 4.93 -22.18
C VAL A 128 -11.89 6.08 -22.64
N GLY A 129 -12.14 7.03 -21.74
CA GLY A 129 -13.06 8.13 -21.98
C GLY A 129 -14.25 8.09 -21.02
N GLU A 130 -14.64 6.88 -20.63
CA GLU A 130 -15.74 6.69 -19.68
C GLU A 130 -15.31 7.06 -18.26
N THR A 131 -16.27 7.55 -17.47
CA THR A 131 -15.99 8.03 -16.11
C THR A 131 -16.95 7.45 -15.05
N SER A 132 -18.16 7.09 -15.47
CA SER A 132 -19.17 6.56 -14.56
C SER A 132 -18.70 5.27 -13.85
N ILE A 133 -19.07 5.15 -12.57
CA ILE A 133 -18.89 3.89 -11.84
C ILE A 133 -19.54 2.71 -12.61
N ASP A 134 -20.63 3.00 -13.30
CA ASP A 134 -21.37 1.99 -14.07
C ASP A 134 -20.65 1.53 -15.35
N SER A 135 -19.61 2.26 -15.74
CA SER A 135 -18.79 1.90 -16.91
C SER A 135 -17.84 0.74 -16.59
N TRP A 136 -17.64 0.47 -15.31
CA TRP A 136 -16.72 -0.59 -14.87
C TRP A 136 -17.33 -1.98 -14.98
N LYS A 137 -16.92 -2.69 -16.04
CA LYS A 137 -17.33 -4.08 -16.26
C LYS A 137 -16.42 -5.02 -15.48
N ASN A 138 -16.91 -6.23 -15.21
CA ASN A 138 -16.21 -7.20 -14.38
C ASN A 138 -15.79 -8.40 -15.21
N ALA A 139 -14.48 -8.55 -15.43
CA ALA A 139 -13.96 -9.70 -16.19
C ALA A 139 -13.86 -10.96 -15.31
N GLY A 140 -14.17 -10.79 -14.02
CA GLY A 140 -14.08 -11.89 -13.05
C GLY A 140 -12.72 -11.99 -12.40
N ARG A 141 -12.50 -13.12 -11.70
CA ARG A 141 -11.23 -13.40 -11.04
C ARG A 141 -10.10 -13.53 -12.05
N VAL A 142 -8.92 -13.04 -11.66
CA VAL A 142 -7.70 -13.23 -12.45
C VAL A 142 -7.33 -14.71 -12.48
N PHE A 143 -7.48 -15.39 -11.34
CA PHE A 143 -7.04 -16.76 -11.18
C PHE A 143 -8.16 -17.78 -11.06
N LYS A 144 -7.92 -18.96 -11.63
CA LYS A 144 -8.71 -20.16 -11.34
C LYS A 144 -8.12 -20.78 -10.07
N ASP A 145 -8.93 -21.55 -9.35
CA ASP A 145 -8.44 -22.28 -8.16
C ASP A 145 -7.28 -23.22 -8.48
N SER A 146 -7.30 -23.79 -9.67
CA SER A 146 -6.27 -24.73 -10.12
C SER A 146 -4.93 -24.08 -10.48
N ASP A 147 -4.93 -22.78 -10.76
CA ASP A 147 -3.72 -22.06 -11.22
C ASP A 147 -2.52 -22.19 -10.29
N LYS A 148 -2.75 -22.12 -8.98
CA LYS A 148 -1.67 -22.16 -7.98
C LYS A 148 -0.99 -23.53 -7.93
N PHE A 149 -1.72 -24.57 -8.33
CA PHE A 149 -1.18 -25.92 -8.39
C PHE A 149 -0.43 -26.12 -9.70
N ASP A 150 -1.04 -25.67 -10.80
CA ASP A 150 -0.44 -25.78 -12.14
C ASP A 150 0.87 -25.01 -12.26
N ALA A 151 1.03 -24.00 -11.41
CA ALA A 151 2.21 -23.13 -11.40
C ALA A 151 3.52 -23.85 -11.03
N ASN A 152 3.41 -25.07 -10.50
CA ASN A 152 4.58 -25.84 -10.03
C ASN A 152 5.45 -25.00 -9.09
N ASP A 153 4.81 -24.51 -8.04
CA ASP A 153 5.40 -23.52 -7.14
C ASP A 153 4.99 -23.94 -5.72
N SER A 154 5.98 -24.39 -4.94
CA SER A 154 5.75 -24.95 -3.60
C SER A 154 4.98 -24.03 -2.67
N ILE A 155 5.36 -22.75 -2.64
CA ILE A 155 4.67 -21.75 -1.81
C ILE A 155 3.23 -21.52 -2.30
N LEU A 156 3.08 -21.30 -3.61
CA LEU A 156 1.77 -21.03 -4.20
C LEU A 156 0.67 -22.08 -3.94
N LYS A 157 1.05 -23.36 -3.89
CA LYS A 157 0.04 -24.41 -3.67
C LYS A 157 -0.53 -24.41 -2.25
N ASP A 158 0.08 -23.62 -1.36
CA ASP A 158 -0.43 -23.46 0.01
C ASP A 158 -1.21 -22.15 0.22
N GLN A 159 -1.39 -21.39 -0.86
CA GLN A 159 -2.11 -20.12 -0.82
C GLN A 159 -3.58 -20.30 -0.42
N THR A 160 -4.07 -19.41 0.43
CA THR A 160 -5.47 -19.41 0.81
C THR A 160 -6.19 -18.09 0.44
N GLN A 161 -5.41 -17.02 0.31
CA GLN A 161 -5.94 -15.70 -0.05
C GLN A 161 -5.01 -14.91 -0.99
N GLU A 162 -5.60 -14.04 -1.80
CA GLU A 162 -4.84 -13.18 -2.70
C GLU A 162 -4.95 -11.75 -2.21
N TRP A 163 -3.84 -11.19 -1.76
CA TRP A 163 -3.80 -9.83 -1.22
C TRP A 163 -3.15 -8.86 -2.21
N SER A 164 -3.09 -7.58 -1.85
CA SER A 164 -2.85 -6.49 -2.79
C SER A 164 -1.47 -6.48 -3.46
N GLY A 165 -1.39 -5.72 -4.55
CA GLY A 165 -0.13 -5.51 -5.26
C GLY A 165 -0.22 -4.39 -6.27
N SER A 166 0.28 -4.64 -7.48
CA SER A 166 0.30 -3.68 -8.56
C SER A 166 0.28 -4.42 -9.89
N ALA A 167 0.11 -3.68 -10.97
CA ALA A 167 0.12 -4.27 -12.30
C ALA A 167 0.75 -3.30 -13.29
N THR A 168 1.70 -3.81 -14.05
CA THR A 168 2.41 -3.02 -15.04
C THR A 168 2.10 -3.52 -16.45
N PHE A 169 2.07 -2.59 -17.40
CA PHE A 169 1.82 -2.89 -18.80
C PHE A 169 3.17 -2.90 -19.52
N THR A 170 3.61 -4.11 -19.90
CA THR A 170 4.94 -4.34 -20.44
C THR A 170 5.13 -3.73 -21.83
N SER A 171 6.39 -3.54 -22.22
CA SER A 171 6.71 -2.93 -23.51
C SER A 171 6.31 -3.82 -24.70
N ASP A 172 6.19 -5.13 -24.46
CA ASP A 172 5.67 -6.04 -25.48
C ASP A 172 4.16 -6.31 -25.35
N GLY A 173 3.47 -5.45 -24.60
CA GLY A 173 2.01 -5.43 -24.53
C GLY A 173 1.34 -6.47 -23.64
N LYS A 174 2.02 -6.88 -22.57
CA LYS A 174 1.49 -7.89 -21.67
C LYS A 174 1.05 -7.31 -20.32
N ILE A 175 0.02 -7.91 -19.74
CA ILE A 175 -0.45 -7.50 -18.41
C ILE A 175 0.35 -8.28 -17.38
N ARG A 176 1.18 -7.55 -16.62
CA ARG A 176 2.09 -8.15 -15.66
C ARG A 176 1.67 -7.78 -14.24
N LEU A 177 1.11 -8.77 -13.55
CA LEU A 177 0.57 -8.59 -12.21
C LEU A 177 1.58 -8.95 -11.12
N PHE A 178 1.57 -8.16 -10.05
CA PHE A 178 2.29 -8.50 -8.82
C PHE A 178 1.28 -8.45 -7.69
N TYR A 179 1.31 -9.46 -6.82
CA TYR A 179 0.38 -9.50 -5.69
C TYR A 179 0.95 -10.27 -4.50
N THR A 180 0.14 -10.36 -3.44
CA THR A 180 0.55 -11.02 -2.21
C THR A 180 -0.11 -12.39 -2.06
N ASP A 181 0.73 -13.42 -2.06
CA ASP A 181 0.28 -14.77 -1.76
C ASP A 181 0.20 -14.90 -0.23
N PHE A 182 -1.03 -14.97 0.26
CA PHE A 182 -1.26 -15.18 1.70
C PHE A 182 -1.60 -16.64 1.98
N SER A 183 -0.88 -17.23 2.92
CA SER A 183 -1.19 -18.59 3.36
C SER A 183 -1.69 -18.64 4.80
N GLY A 184 -2.99 -18.89 4.95
CA GLY A 184 -3.60 -19.11 6.27
C GLY A 184 -3.15 -20.41 6.92
N LYS A 185 -2.66 -21.34 6.11
CA LYS A 185 -2.18 -22.64 6.57
C LYS A 185 -0.77 -22.55 7.17
N HIS A 186 -0.01 -21.54 6.76
CA HIS A 186 1.36 -21.33 7.23
C HIS A 186 1.50 -20.06 8.07
N TYR A 187 0.58 -19.90 9.03
CA TYR A 187 0.64 -18.81 10.04
C TYR A 187 0.66 -17.41 9.41
N GLY A 188 -0.07 -17.25 8.31
CA GLY A 188 -0.13 -15.97 7.61
C GLY A 188 1.11 -15.59 6.84
N LYS A 189 1.79 -16.59 6.26
CA LYS A 189 2.93 -16.34 5.38
C LYS A 189 2.49 -15.45 4.22
N GLN A 190 3.33 -14.49 3.86
CA GLN A 190 3.07 -13.60 2.75
C GLN A 190 4.26 -13.59 1.79
N THR A 191 3.98 -13.85 0.51
CA THR A 191 5.03 -13.97 -0.50
C THR A 191 4.74 -13.07 -1.70
N LEU A 192 5.71 -12.23 -2.06
CA LEU A 192 5.59 -11.42 -3.28
C LEU A 192 5.57 -12.34 -4.50
N THR A 193 4.54 -12.18 -5.32
CA THR A 193 4.21 -13.13 -6.38
C THR A 193 3.92 -12.38 -7.68
N THR A 194 4.26 -13.00 -8.81
CA THR A 194 3.96 -12.43 -10.10
C THR A 194 3.21 -13.40 -11.02
N ALA A 195 2.50 -12.83 -12.00
CA ALA A 195 1.87 -13.61 -13.07
C ALA A 195 1.61 -12.70 -14.26
N GLN A 196 1.67 -13.28 -15.46
CA GLN A 196 1.16 -12.61 -16.65
C GLN A 196 -0.30 -13.00 -16.84
N VAL A 197 -1.16 -12.00 -17.03
CA VAL A 197 -2.58 -12.25 -17.24
C VAL A 197 -2.90 -12.16 -18.73
N ASN A 198 -3.34 -13.28 -19.29
CA ASN A 198 -3.66 -13.35 -20.72
C ASN A 198 -5.09 -12.91 -20.97
N VAL A 199 -5.23 -11.82 -21.74
CA VAL A 199 -6.52 -11.16 -21.93
C VAL A 199 -6.81 -10.89 -23.39
N SER A 200 -7.92 -11.42 -23.89
CA SER A 200 -8.40 -11.11 -25.23
C SER A 200 -9.26 -9.85 -25.24
N ALA A 201 -9.04 -9.01 -26.25
CA ALA A 201 -9.72 -7.74 -26.38
C ALA A 201 -10.55 -7.68 -27.66
N SER A 202 -11.78 -7.18 -27.54
CA SER A 202 -12.62 -6.88 -28.69
C SER A 202 -13.21 -5.49 -28.54
N ASP A 203 -14.05 -5.09 -29.51
CA ASP A 203 -14.71 -3.78 -29.50
C ASP A 203 -15.64 -3.61 -28.30
N SER A 204 -16.14 -4.73 -27.77
CA SER A 204 -17.19 -4.72 -26.75
C SER A 204 -16.75 -5.19 -25.36
N SER A 205 -15.81 -6.14 -25.32
CA SER A 205 -15.41 -6.74 -24.04
C SER A 205 -13.93 -7.08 -23.91
N LEU A 206 -13.49 -7.31 -22.67
CA LEU A 206 -12.22 -7.95 -22.39
C LEU A 206 -12.51 -9.30 -21.76
N ASN A 207 -11.68 -10.30 -22.08
CA ASN A 207 -11.85 -11.64 -21.53
C ASN A 207 -10.53 -12.24 -21.03
N ILE A 208 -10.49 -12.63 -19.75
CA ILE A 208 -9.34 -13.32 -19.19
C ILE A 208 -9.33 -14.79 -19.67
N ASN A 209 -8.30 -15.15 -20.43
CA ASN A 209 -8.16 -16.51 -20.95
C ASN A 209 -7.43 -17.42 -19.95
N GLY A 210 -6.60 -16.81 -19.12
CA GLY A 210 -5.84 -17.54 -18.13
C GLY A 210 -4.58 -16.78 -17.78
N VAL A 211 -3.65 -17.46 -17.09
CA VAL A 211 -2.40 -16.85 -16.65
C VAL A 211 -1.22 -17.73 -17.04
N GLU A 212 -0.02 -17.14 -16.99
CA GLU A 212 1.24 -17.87 -17.19
C GLU A 212 2.35 -17.14 -16.44
N ASP A 213 3.53 -17.74 -16.40
CA ASP A 213 4.68 -17.19 -15.68
C ASP A 213 4.26 -16.79 -14.26
N TYR A 214 3.55 -17.71 -13.61
CA TYR A 214 2.92 -17.52 -12.32
C TYR A 214 3.86 -18.11 -11.26
N LYS A 215 4.48 -17.23 -10.47
CA LYS A 215 5.60 -17.63 -9.61
C LYS A 215 5.86 -16.73 -8.41
N SER A 216 6.29 -17.35 -7.31
CA SER A 216 6.81 -16.67 -6.13
C SER A 216 8.13 -15.96 -6.46
N ILE A 217 8.26 -14.73 -5.96
CA ILE A 217 9.48 -13.93 -6.17
C ILE A 217 10.29 -13.76 -4.88
N PHE A 218 9.61 -13.47 -3.77
CA PHE A 218 10.30 -13.13 -2.53
C PHE A 218 9.45 -13.36 -1.29
N ASP A 219 10.01 -14.10 -0.33
CA ASP A 219 9.32 -14.40 0.93
C ASP A 219 10.10 -13.93 2.15
N GLY A 220 11.00 -12.96 1.95
CA GLY A 220 11.79 -12.41 3.04
C GLY A 220 13.11 -13.13 3.15
N ASP A 221 14.09 -12.50 3.81
CA ASP A 221 15.43 -13.07 3.87
C ASP A 221 15.96 -13.12 5.30
N GLY A 222 15.19 -12.58 6.24
CA GLY A 222 15.55 -12.60 7.66
C GLY A 222 16.47 -11.47 8.12
N LYS A 223 17.42 -11.11 7.27
CA LYS A 223 18.45 -10.09 7.59
C LYS A 223 17.99 -8.67 7.23
N THR A 224 17.31 -8.54 6.09
CA THR A 224 16.85 -7.25 5.58
C THR A 224 15.35 -7.08 5.80
N TYR A 225 14.60 -8.16 5.58
CA TYR A 225 13.16 -8.17 5.76
C TYR A 225 12.74 -9.41 6.52
N GLN A 226 11.82 -9.23 7.47
CA GLN A 226 11.30 -10.31 8.30
C GLN A 226 10.61 -11.37 7.43
N ASN A 227 10.85 -12.64 7.75
CA ASN A 227 10.15 -13.75 7.11
C ASN A 227 9.16 -14.40 8.07
N VAL A 228 8.35 -15.35 7.59
CA VAL A 228 7.32 -15.96 8.43
C VAL A 228 7.89 -16.79 9.60
N GLN A 229 9.07 -17.38 9.41
CA GLN A 229 9.68 -18.17 10.49
C GLN A 229 9.98 -17.33 11.72
N GLN A 230 10.44 -16.10 11.50
CA GLN A 230 10.72 -15.14 12.57
C GLN A 230 9.45 -14.76 13.32
N PHE A 231 8.34 -14.68 12.60
CA PHE A 231 7.02 -14.47 13.19
C PHE A 231 6.62 -15.65 14.07
N ILE A 232 6.84 -16.86 13.55
CA ILE A 232 6.55 -18.10 14.29
C ILE A 232 7.47 -18.27 15.50
N ASP A 233 8.72 -17.83 15.36
CA ASP A 233 9.68 -17.79 16.48
C ASP A 233 9.13 -17.00 17.69
N GLU A 234 8.40 -15.92 17.41
CA GLU A 234 7.83 -15.05 18.45
C GLU A 234 6.59 -15.68 19.10
N GLY A 235 5.98 -16.64 18.42
CA GLY A 235 4.72 -17.24 18.85
C GLY A 235 3.56 -16.76 18.01
N ASN A 236 3.86 -16.45 16.74
CA ASN A 236 2.89 -15.90 15.78
C ASN A 236 1.89 -14.87 16.31
N TYR A 237 0.60 -15.09 16.07
CA TYR A 237 -0.44 -14.10 16.33
C TYR A 237 -0.58 -13.71 17.81
N SER A 238 -0.40 -14.68 18.71
CA SER A 238 -0.57 -14.41 20.14
C SER A 238 0.59 -13.64 20.78
N SER A 239 1.63 -13.38 20.00
CA SER A 239 2.77 -12.57 20.47
C SER A 239 2.48 -11.07 20.40
N GLY A 240 1.52 -10.69 19.55
CA GLY A 240 1.23 -9.29 19.28
C GLY A 240 2.02 -8.73 18.11
N ASP A 241 2.93 -9.54 17.58
CA ASP A 241 3.70 -9.15 16.40
C ASP A 241 2.81 -9.11 15.17
N ASN A 242 3.16 -8.28 14.20
CA ASN A 242 2.43 -8.16 12.96
C ASN A 242 3.38 -8.36 11.79
N HIS A 243 3.40 -9.58 11.26
CA HIS A 243 4.26 -9.90 10.12
C HIS A 243 3.60 -9.51 8.82
N THR A 244 4.33 -8.74 8.01
CA THR A 244 3.84 -8.29 6.73
C THR A 244 4.91 -8.45 5.66
N LEU A 245 4.48 -8.84 4.47
CA LEU A 245 5.33 -8.85 3.28
C LEU A 245 4.40 -8.84 2.07
N ARG A 246 3.99 -7.64 1.68
CA ARG A 246 2.82 -7.49 0.84
C ARG A 246 2.76 -6.18 0.08
N ASP A 247 1.66 -5.99 -0.65
CA ASP A 247 1.37 -4.76 -1.39
C ASP A 247 2.54 -4.32 -2.30
N PRO A 248 3.10 -5.24 -3.11
CA PRO A 248 4.24 -4.88 -3.95
C PRO A 248 3.87 -3.91 -5.06
N HIS A 249 4.69 -2.87 -5.21
CA HIS A 249 4.47 -1.86 -6.25
C HIS A 249 5.60 -1.84 -7.25
N TYR A 250 5.27 -2.09 -8.50
CA TYR A 250 6.25 -2.11 -9.57
C TYR A 250 6.59 -0.71 -10.04
N VAL A 251 7.88 -0.48 -10.27
CA VAL A 251 8.38 0.81 -10.72
C VAL A 251 9.68 0.57 -11.50
N GLU A 252 9.95 1.44 -12.48
CA GLU A 252 11.21 1.40 -13.21
C GLU A 252 11.98 2.71 -13.08
N ASP A 253 13.30 2.60 -13.24
CA ASP A 253 14.16 3.77 -13.38
C ASP A 253 15.38 3.38 -14.22
N LYS A 254 15.52 4.06 -15.36
CA LYS A 254 16.61 3.81 -16.29
C LYS A 254 16.64 2.36 -16.81
N GLY A 255 15.45 1.76 -16.93
CA GLY A 255 15.33 0.41 -17.47
C GLY A 255 15.48 -0.71 -16.45
N HIS A 256 15.90 -0.34 -15.23
CA HIS A 256 15.95 -1.27 -14.11
C HIS A 256 14.56 -1.46 -13.50
N LYS A 257 14.27 -2.69 -13.08
CA LYS A 257 12.95 -3.06 -12.60
C LYS A 257 12.96 -3.28 -11.08
N TYR A 258 12.00 -2.69 -10.39
CA TYR A 258 11.95 -2.80 -8.93
C TYR A 258 10.54 -3.05 -8.41
N LEU A 259 10.45 -3.71 -7.26
CA LEU A 259 9.24 -3.73 -6.46
C LEU A 259 9.51 -3.00 -5.14
N VAL A 260 8.61 -2.10 -4.77
CA VAL A 260 8.63 -1.43 -3.47
C VAL A 260 7.39 -1.94 -2.73
N PHE A 261 7.55 -2.36 -1.49
CA PHE A 261 6.51 -3.15 -0.83
C PHE A 261 6.41 -2.90 0.67
N GLU A 262 5.27 -3.27 1.25
CA GLU A 262 5.13 -3.27 2.71
C GLU A 262 5.91 -4.46 3.27
N ALA A 263 6.71 -4.20 4.30
CA ALA A 263 7.48 -5.24 4.96
C ALA A 263 7.72 -4.90 6.42
N ASN A 264 8.60 -5.66 7.04
CA ASN A 264 9.13 -5.35 8.35
C ASN A 264 10.63 -5.59 8.30
N THR A 265 11.39 -4.87 9.12
CA THR A 265 12.85 -4.99 9.12
C THR A 265 13.31 -6.38 9.55
N GLY A 266 14.55 -6.70 9.22
CA GLY A 266 15.17 -7.95 9.63
C GLY A 266 16.22 -7.71 10.70
N THR A 267 17.05 -8.71 10.92
CA THR A 267 18.04 -8.69 12.01
C THR A 267 19.18 -7.69 11.81
N GLU A 268 19.42 -7.27 10.58
CA GLU A 268 20.61 -6.47 10.27
C GLU A 268 20.33 -5.01 9.92
N ASP A 269 19.05 -4.64 9.82
CA ASP A 269 18.68 -3.26 9.52
C ASP A 269 17.74 -2.64 10.57
N GLY A 270 17.97 -2.99 11.83
CA GLY A 270 17.20 -2.46 12.96
C GLY A 270 15.96 -3.26 13.24
N TYR A 271 16.16 -4.40 13.90
CA TYR A 271 15.09 -5.34 14.17
C TYR A 271 14.23 -4.87 15.35
N GLN A 272 13.05 -5.47 15.47
CA GLN A 272 12.19 -5.29 16.62
C GLN A 272 12.88 -5.83 17.88
N GLY A 273 12.42 -5.39 19.04
CA GLY A 273 12.95 -5.86 20.31
C GLY A 273 13.05 -4.77 21.35
N GLU A 274 13.41 -5.16 22.57
CA GLU A 274 13.58 -4.23 23.68
C GLU A 274 14.62 -3.16 23.39
N GLU A 275 15.73 -3.57 22.78
CA GLU A 275 16.85 -2.67 22.48
C GLU A 275 16.49 -1.53 21.52
N SER A 276 15.51 -1.79 20.64
CA SER A 276 15.12 -0.83 19.61
C SER A 276 14.64 0.52 20.16
N LEU A 277 14.07 0.51 21.37
CA LEU A 277 13.54 1.74 21.98
C LEU A 277 14.64 2.71 22.41
N PHE A 278 15.90 2.25 22.38
CA PHE A 278 17.04 3.06 22.80
C PHE A 278 17.85 3.60 21.62
N ASN A 279 17.34 3.37 20.41
CA ASN A 279 17.98 3.88 19.20
C ASN A 279 17.43 5.27 18.85
N LYS A 280 18.27 6.28 19.06
CA LYS A 280 17.91 7.69 18.84
C LYS A 280 17.45 8.01 17.42
N ALA A 281 17.87 7.22 16.44
CA ALA A 281 17.45 7.38 15.04
C ALA A 281 15.93 7.30 14.86
N TYR A 282 15.26 6.60 15.79
CA TYR A 282 13.82 6.38 15.70
C TYR A 282 13.03 7.52 16.33
N TYR A 283 13.76 8.39 17.04
CA TYR A 283 13.16 9.52 17.75
C TYR A 283 13.36 10.82 16.97
N GLY A 284 14.61 11.09 16.61
CA GLY A 284 14.97 12.33 15.90
C GLY A 284 14.99 13.54 16.81
N LYS A 285 15.11 14.72 16.20
CA LYS A 285 15.14 16.01 16.90
C LYS A 285 16.41 16.27 17.73
N SER A 286 16.55 15.58 18.86
CA SER A 286 17.64 15.86 19.81
C SER A 286 17.72 14.79 20.90
N THR A 287 18.86 14.77 21.61
CA THR A 287 19.05 13.87 22.75
C THR A 287 18.10 14.24 23.88
N SER A 288 17.83 15.54 24.03
CA SER A 288 16.86 16.03 24.98
C SER A 288 15.48 15.43 24.72
N PHE A 289 15.05 15.46 23.46
CA PHE A 289 13.78 14.86 23.08
C PHE A 289 13.79 13.34 23.25
N PHE A 290 14.86 12.68 22.80
CA PHE A 290 15.01 11.24 22.98
C PHE A 290 14.80 10.85 24.45
N ARG A 291 15.53 11.50 25.35
CA ARG A 291 15.49 11.22 26.78
C ARG A 291 14.07 11.31 27.34
N GLN A 292 13.38 12.40 27.00
CA GLN A 292 12.02 12.64 27.43
C GLN A 292 11.02 11.66 26.81
N GLU A 293 11.13 11.44 25.49
CA GLU A 293 10.20 10.58 24.77
C GLU A 293 10.39 9.09 25.06
N SER A 294 11.65 8.66 25.14
CA SER A 294 11.97 7.25 25.43
C SER A 294 11.53 6.85 26.85
N GLN A 295 11.76 7.71 27.82
CA GLN A 295 11.34 7.41 29.19
C GLN A 295 9.82 7.37 29.32
N LYS A 296 9.13 8.28 28.61
CA LYS A 296 7.68 8.28 28.55
C LYS A 296 7.15 6.97 27.95
N LEU A 297 7.74 6.57 26.82
CA LEU A 297 7.33 5.34 26.12
C LEU A 297 7.59 4.10 26.98
N LEU A 298 8.72 4.07 27.68
CA LEU A 298 9.08 2.98 28.59
C LEU A 298 8.12 2.82 29.77
N GLN A 299 7.46 3.91 30.16
CA GLN A 299 6.52 3.91 31.29
C GLN A 299 5.07 3.74 30.83
N SER A 300 4.85 3.75 29.53
CA SER A 300 3.51 3.72 28.94
C SER A 300 3.04 2.29 28.67
N ASP A 301 1.73 2.15 28.37
CA ASP A 301 1.14 0.88 28.01
C ASP A 301 1.44 0.49 26.56
N LYS A 302 2.19 1.36 25.87
CA LYS A 302 2.54 1.15 24.47
C LYS A 302 3.96 0.63 24.29
N LYS A 303 4.63 0.34 25.42
CA LYS A 303 6.01 -0.14 25.41
C LYS A 303 6.20 -1.38 24.53
N ARG A 304 5.44 -2.43 24.80
CA ARG A 304 5.49 -3.69 24.04
C ARG A 304 5.13 -3.50 22.56
N THR A 305 4.07 -2.74 22.31
CA THR A 305 3.65 -2.41 20.94
C THR A 305 4.80 -1.74 20.17
N ALA A 306 5.44 -0.76 20.82
CA ALA A 306 6.58 -0.03 20.25
C ALA A 306 7.78 -0.94 19.99
N GLU A 307 8.04 -1.87 20.91
CA GLU A 307 9.13 -2.83 20.75
C GLU A 307 8.94 -3.71 19.51
N LEU A 308 7.69 -4.13 19.28
CA LEU A 308 7.34 -5.01 18.16
C LEU A 308 7.22 -4.27 16.82
N ALA A 309 7.07 -2.94 16.89
CA ALA A 309 6.86 -2.12 15.71
C ALA A 309 8.15 -1.91 14.94
N ASN A 310 8.23 -2.52 13.76
CA ASN A 310 9.38 -2.37 12.87
C ASN A 310 8.95 -2.43 11.40
N GLY A 311 7.86 -1.72 11.09
CA GLY A 311 7.38 -1.62 9.72
C GLY A 311 8.44 -1.04 8.81
N ALA A 312 8.36 -1.40 7.52
CA ALA A 312 9.33 -0.91 6.54
C ALA A 312 8.69 -0.85 5.15
N LEU A 313 9.18 0.08 4.34
CA LEU A 313 8.90 0.06 2.91
C LEU A 313 10.15 -0.49 2.24
N GLY A 314 10.04 -1.74 1.81
CA GLY A 314 11.18 -2.47 1.29
C GLY A 314 11.32 -2.36 -0.20
N MET A 315 12.49 -2.78 -0.70
CA MET A 315 12.77 -2.71 -2.13
C MET A 315 13.61 -3.89 -2.58
N ILE A 316 13.25 -4.43 -3.74
CA ILE A 316 14.06 -5.45 -4.42
C ILE A 316 14.17 -5.09 -5.90
N GLU A 317 15.29 -5.47 -6.51
CA GLU A 317 15.40 -5.35 -7.96
C GLU A 317 14.99 -6.68 -8.59
N LEU A 318 14.36 -6.60 -9.76
CA LEU A 318 13.95 -7.78 -10.50
C LEU A 318 14.81 -7.94 -11.75
N ASN A 319 14.90 -9.18 -12.23
CA ASN A 319 15.49 -9.47 -13.54
C ASN A 319 14.44 -9.19 -14.62
N ASP A 320 14.83 -9.32 -15.89
CA ASP A 320 13.91 -9.07 -17.00
C ASP A 320 12.79 -10.11 -17.16
N ASP A 321 12.94 -11.27 -16.51
CA ASP A 321 11.87 -12.27 -16.46
C ASP A 321 11.06 -12.16 -15.16
N TYR A 322 11.26 -11.03 -14.46
CA TYR A 322 10.55 -10.67 -13.23
C TYR A 322 10.88 -11.54 -12.01
N THR A 323 12.01 -12.24 -12.08
CA THR A 323 12.52 -13.00 -10.94
C THR A 323 13.39 -12.06 -10.09
N LEU A 324 13.82 -12.55 -8.92
CA LEU A 324 14.63 -11.74 -8.00
C LEU A 324 16.06 -11.55 -8.49
N LYS A 325 16.47 -10.29 -8.61
CA LYS A 325 17.85 -9.95 -8.91
C LYS A 325 18.62 -9.65 -7.63
N LYS A 326 18.08 -8.75 -6.81
CA LYS A 326 18.81 -8.26 -5.65
C LYS A 326 17.86 -7.80 -4.55
N VAL A 327 18.10 -8.28 -3.32
CA VAL A 327 17.44 -7.72 -2.14
C VAL A 327 18.18 -6.41 -1.81
N MET A 328 17.42 -5.33 -1.70
CA MET A 328 17.99 -4.01 -1.42
C MET A 328 17.59 -3.52 -0.02
N LYS A 329 18.28 -2.50 0.48
CA LYS A 329 17.93 -1.90 1.76
C LYS A 329 16.56 -1.22 1.67
N PRO A 330 15.81 -1.17 2.79
CA PRO A 330 14.52 -0.47 2.80
C PRO A 330 14.67 1.01 2.47
N LEU A 331 13.65 1.58 1.82
CA LEU A 331 13.64 3.02 1.55
C LEU A 331 13.37 3.80 2.84
N ILE A 332 12.51 3.24 3.69
CA ILE A 332 12.17 3.86 4.97
C ILE A 332 11.69 2.80 5.96
N ALA A 333 11.82 3.10 7.24
CA ALA A 333 11.34 2.20 8.30
C ALA A 333 10.59 3.00 9.37
N SER A 334 9.80 2.30 10.18
CA SER A 334 8.96 2.95 11.18
C SER A 334 9.09 2.33 12.57
N ASN A 335 10.30 1.89 12.91
CA ASN A 335 10.56 1.32 14.24
C ASN A 335 9.99 2.18 15.39
N THR A 336 9.36 1.49 16.35
CA THR A 336 8.67 2.08 17.53
C THR A 336 7.30 2.70 17.23
N VAL A 337 7.16 3.26 16.03
CA VAL A 337 5.96 4.03 15.65
C VAL A 337 4.81 3.09 15.31
N THR A 338 5.02 2.22 14.33
CA THR A 338 4.02 1.24 13.91
C THR A 338 4.66 0.05 13.21
N ASP A 339 3.95 -1.08 13.26
CA ASP A 339 4.36 -2.32 12.62
C ASP A 339 3.74 -2.43 11.23
N GLU A 340 2.90 -1.46 10.86
CA GLU A 340 2.09 -1.57 9.66
C GLU A 340 2.04 -0.29 8.83
N ILE A 341 2.90 -0.22 7.82
CA ILE A 341 2.86 0.82 6.80
C ILE A 341 2.56 0.16 5.45
N ALA A 342 1.36 0.39 4.95
CA ALA A 342 0.75 -0.40 3.87
C ALA A 342 0.75 0.29 2.51
N ARG A 343 0.40 -0.51 1.49
CA ARG A 343 0.16 -0.03 0.12
C ARG A 343 1.25 0.93 -0.37
N ALA A 344 2.48 0.44 -0.33
CA ALA A 344 3.65 1.18 -0.80
C ALA A 344 3.45 1.66 -2.22
N ASN A 345 3.76 2.93 -2.45
CA ASN A 345 3.59 3.53 -3.76
C ASN A 345 4.72 4.53 -3.99
N VAL A 346 5.28 4.50 -5.19
CA VAL A 346 6.41 5.35 -5.52
C VAL A 346 6.46 5.64 -7.02
N PHE A 347 6.69 6.91 -7.35
CA PHE A 347 6.76 7.35 -8.74
C PHE A 347 7.57 8.64 -8.84
N LYS A 348 8.08 8.89 -10.04
CA LYS A 348 8.73 10.16 -10.33
C LYS A 348 7.72 11.11 -10.96
N MET A 349 7.74 12.35 -10.51
CA MET A 349 6.82 13.38 -10.98
C MET A 349 7.54 14.72 -10.98
N ASN A 350 7.62 15.34 -12.17
CA ASN A 350 8.25 16.65 -12.36
C ASN A 350 9.64 16.80 -11.72
N GLY A 351 10.48 15.79 -11.90
CA GLY A 351 11.88 15.83 -11.44
C GLY A 351 12.13 15.30 -10.04
N LYS A 352 11.08 14.91 -9.34
CA LYS A 352 11.23 14.41 -7.96
C LYS A 352 10.54 13.06 -7.75
N TRP A 353 11.05 12.27 -6.81
CA TRP A 353 10.50 10.95 -6.49
C TRP A 353 9.64 11.02 -5.24
N TYR A 354 8.43 10.46 -5.33
CA TYR A 354 7.47 10.53 -4.23
C TYR A 354 7.10 9.15 -3.73
N LEU A 355 7.24 8.95 -2.43
CA LEU A 355 7.01 7.65 -1.79
C LEU A 355 5.88 7.76 -0.77
N PHE A 356 4.84 6.94 -0.95
CA PHE A 356 3.65 7.00 -0.11
C PHE A 356 3.35 5.67 0.56
N THR A 357 2.66 5.76 1.69
CA THR A 357 2.19 4.59 2.42
C THR A 357 0.93 4.94 3.22
N ASP A 358 0.04 3.95 3.35
CA ASP A 358 -1.16 4.10 4.17
C ASP A 358 -0.95 3.45 5.53
N SER A 359 -1.53 4.05 6.57
CA SER A 359 -1.29 3.56 7.93
C SER A 359 -2.40 3.98 8.87
N ARG A 360 -2.74 3.05 9.78
CA ARG A 360 -3.83 3.25 10.73
C ARG A 360 -3.32 3.73 12.08
N GLY A 361 -3.87 4.84 12.57
CA GLY A 361 -3.53 5.40 13.88
C GLY A 361 -3.76 4.45 15.05
N SER A 362 -4.70 3.53 14.88
CA SER A 362 -5.00 2.51 15.88
C SER A 362 -3.82 1.56 16.14
N LYS A 363 -2.89 1.48 15.19
CA LYS A 363 -1.72 0.61 15.31
C LYS A 363 -0.44 1.37 15.65
N MET A 364 -0.56 2.68 15.83
CA MET A 364 0.56 3.53 16.19
C MET A 364 0.72 3.69 17.70
N THR A 365 1.84 4.28 18.12
CA THR A 365 2.18 4.44 19.52
C THR A 365 2.39 5.91 19.87
N ILE A 366 1.82 6.80 19.05
CA ILE A 366 2.11 8.23 19.11
C ILE A 366 1.00 8.99 19.84
N ASP A 367 1.37 9.70 20.90
CA ASP A 367 0.42 10.54 21.65
C ASP A 367 -0.26 11.56 20.73
N GLY A 368 -1.57 11.67 20.87
CA GLY A 368 -2.36 12.60 20.07
C GLY A 368 -2.97 11.98 18.83
N ILE A 369 -2.38 10.88 18.36
CA ILE A 369 -2.93 10.11 17.23
C ILE A 369 -3.90 9.06 17.77
N THR A 370 -5.13 9.09 17.27
CA THR A 370 -6.22 8.28 17.84
C THR A 370 -6.54 7.06 16.97
N SER A 371 -7.39 6.18 17.49
CA SER A 371 -7.79 4.97 16.78
C SER A 371 -8.65 5.26 15.55
N ASN A 372 -9.21 6.47 15.48
CA ASN A 372 -9.99 6.92 14.33
C ASN A 372 -9.14 7.42 13.17
N ASP A 373 -7.92 7.86 13.48
CA ASP A 373 -7.04 8.47 12.50
C ASP A 373 -6.47 7.47 11.50
N ILE A 374 -6.60 7.84 10.23
CA ILE A 374 -6.10 7.05 9.12
C ILE A 374 -5.32 8.01 8.22
N TYR A 375 -4.15 7.57 7.77
CA TYR A 375 -3.25 8.44 7.04
C TYR A 375 -2.80 7.88 5.70
N MET A 376 -2.50 8.80 4.78
CA MET A 376 -1.52 8.53 3.76
C MET A 376 -0.31 9.42 4.11
N LEU A 377 0.82 8.77 4.37
CA LEU A 377 2.06 9.46 4.67
C LEU A 377 2.90 9.51 3.40
N GLY A 378 3.75 10.52 3.29
CA GLY A 378 4.50 10.74 2.06
C GLY A 378 5.89 11.30 2.27
N TYR A 379 6.80 10.90 1.38
CA TYR A 379 8.22 11.24 1.48
C TYR A 379 8.75 11.59 0.09
N VAL A 380 9.80 12.39 0.06
CA VAL A 380 10.32 12.90 -1.22
C VAL A 380 11.84 12.73 -1.33
N SER A 381 12.31 12.40 -2.54
CA SER A 381 13.73 12.28 -2.82
C SER A 381 14.06 12.75 -4.24
N ASN A 382 15.32 13.11 -4.47
CA ASN A 382 15.81 13.38 -5.83
C ASN A 382 16.17 12.09 -6.59
N SER A 383 16.15 10.96 -5.89
CA SER A 383 16.44 9.65 -6.48
C SER A 383 15.44 8.60 -6.02
N LEU A 384 15.15 7.64 -6.90
CA LEU A 384 14.26 6.52 -6.54
C LEU A 384 14.74 5.80 -5.26
N THR A 385 16.05 5.57 -5.15
CA THR A 385 16.59 4.79 -4.03
C THR A 385 17.00 5.66 -2.83
N GLY A 386 16.62 6.94 -2.86
CA GLY A 386 16.75 7.80 -1.69
C GLY A 386 17.92 8.78 -1.70
N PRO A 387 18.13 9.48 -0.57
CA PRO A 387 17.35 9.34 0.67
C PRO A 387 16.03 10.13 0.66
N TYR A 388 15.03 9.60 1.37
CA TYR A 388 13.71 10.21 1.43
C TYR A 388 13.52 11.07 2.68
N LYS A 389 12.99 12.28 2.48
CA LYS A 389 12.68 13.19 3.58
C LYS A 389 11.15 13.45 3.60
N PRO A 390 10.58 13.73 4.79
CA PRO A 390 9.11 13.85 4.94
C PRO A 390 8.48 14.97 4.10
N LEU A 391 7.35 14.68 3.48
CA LEU A 391 6.72 15.63 2.54
C LEU A 391 6.34 16.99 3.12
N ASN A 392 5.41 17.05 4.05
CA ASN A 392 5.01 18.37 4.57
C ASN A 392 5.65 18.62 5.93
N LYS A 393 6.98 18.48 5.94
CA LYS A 393 7.83 18.53 7.14
C LYS A 393 7.70 17.32 8.06
N THR A 394 6.51 16.70 8.10
CA THR A 394 6.20 15.66 9.07
C THR A 394 5.97 14.28 8.45
N GLY A 395 5.59 14.27 7.18
CA GLY A 395 5.21 13.05 6.47
C GLY A 395 3.72 13.00 6.18
N LEU A 396 2.95 13.87 6.83
CA LEU A 396 1.50 13.92 6.62
C LEU A 396 1.15 14.40 5.20
N VAL A 397 0.31 13.63 4.52
CA VAL A 397 -0.25 14.04 3.22
C VAL A 397 -1.77 14.03 3.27
N LEU A 398 -2.34 12.94 3.77
CA LEU A 398 -3.78 12.78 3.89
C LEU A 398 -4.19 12.28 5.27
N LYS A 399 -5.25 12.87 5.81
CA LYS A 399 -5.85 12.42 7.06
C LYS A 399 -7.33 12.16 6.84
N MET A 400 -7.80 11.01 7.34
CA MET A 400 -9.21 10.64 7.34
C MET A 400 -9.50 10.14 8.76
N ASP A 401 -10.53 10.70 9.41
CA ASP A 401 -10.84 10.28 10.79
C ASP A 401 -12.32 9.97 11.06
N LEU A 402 -13.07 9.66 10.01
CA LEU A 402 -14.49 9.32 10.14
C LEU A 402 -14.67 8.02 10.89
N ASP A 403 -15.80 7.91 11.60
CA ASP A 403 -16.20 6.70 12.29
C ASP A 403 -16.19 5.51 11.32
N PRO A 404 -15.69 4.34 11.77
CA PRO A 404 -15.74 3.12 10.95
C PRO A 404 -17.14 2.83 10.39
N ASN A 405 -18.18 3.29 11.08
CA ASN A 405 -19.58 3.11 10.68
C ASN A 405 -20.05 4.06 9.58
N ASP A 406 -19.29 5.13 9.34
CA ASP A 406 -19.64 6.12 8.34
C ASP A 406 -19.62 5.45 6.97
N VAL A 407 -20.72 5.59 6.22
CA VAL A 407 -20.80 5.03 4.88
C VAL A 407 -19.70 5.62 3.98
N THR A 408 -19.34 6.89 4.21
CA THR A 408 -18.31 7.57 3.42
C THR A 408 -16.86 7.40 3.96
N PHE A 409 -16.71 6.60 5.01
CA PHE A 409 -15.39 6.13 5.47
C PHE A 409 -14.54 5.73 4.27
N THR A 410 -13.28 6.15 4.22
CA THR A 410 -12.38 5.64 3.18
C THR A 410 -11.07 5.15 3.76
N TYR A 411 -10.47 4.18 3.09
CA TYR A 411 -9.12 3.71 3.40
C TYR A 411 -8.40 3.33 2.10
N SER A 412 -7.08 3.13 2.21
CA SER A 412 -6.28 2.53 1.13
C SER A 412 -6.03 3.55 0.00
N HIS A 413 -5.96 4.82 0.39
CA HIS A 413 -5.69 5.93 -0.50
C HIS A 413 -4.40 5.73 -1.31
N PHE A 414 -4.49 5.96 -2.62
CA PHE A 414 -3.45 5.63 -3.57
C PHE A 414 -3.28 6.79 -4.54
N ALA A 415 -2.07 7.33 -4.64
CA ALA A 415 -1.81 8.43 -5.57
C ALA A 415 -1.48 7.89 -6.96
N VAL A 416 -2.35 8.18 -7.92
CA VAL A 416 -2.15 7.79 -9.31
C VAL A 416 -1.50 8.94 -10.08
N PRO A 417 -0.26 8.73 -10.58
CA PRO A 417 0.49 9.72 -11.34
C PRO A 417 -0.20 10.01 -12.68
N GLN A 418 -0.07 11.26 -13.13
CA GLN A 418 -0.70 11.69 -14.37
C GLN A 418 0.37 12.06 -15.39
N ALA A 419 0.04 11.91 -16.67
CA ALA A 419 0.99 12.19 -17.77
C ALA A 419 1.65 13.56 -17.65
N LYS A 420 0.86 14.57 -17.30
CA LYS A 420 1.39 15.92 -17.13
C LYS A 420 0.63 16.68 -16.04
N GLY A 421 1.19 17.81 -15.61
CA GLY A 421 0.57 18.66 -14.62
C GLY A 421 1.06 18.45 -13.20
N ASN A 422 0.51 19.24 -12.28
CA ASN A 422 0.92 19.24 -10.88
C ASN A 422 -0.02 18.45 -9.97
N ASN A 423 -0.98 17.75 -10.56
CA ASN A 423 -1.94 16.96 -9.79
C ASN A 423 -1.80 15.45 -9.99
N VAL A 424 -1.96 14.70 -8.90
CA VAL A 424 -2.21 13.26 -8.98
C VAL A 424 -3.65 13.00 -8.57
N VAL A 425 -4.17 11.84 -8.96
CA VAL A 425 -5.52 11.43 -8.61
C VAL A 425 -5.43 10.49 -7.42
N ILE A 426 -6.17 10.80 -6.35
CA ILE A 426 -6.21 9.92 -5.19
C ILE A 426 -7.42 8.99 -5.29
N THR A 427 -7.14 7.70 -5.42
CA THR A 427 -8.19 6.68 -5.32
C THR A 427 -8.17 6.08 -3.92
N SER A 428 -9.30 5.51 -3.52
CA SER A 428 -9.43 4.77 -2.27
C SER A 428 -10.68 3.92 -2.37
N TYR A 429 -10.86 2.98 -1.45
CA TYR A 429 -12.14 2.28 -1.35
C TYR A 429 -13.00 2.94 -0.29
N MET A 430 -14.32 2.86 -0.46
CA MET A 430 -15.21 3.66 0.38
C MET A 430 -15.76 3.01 1.66
N THR A 431 -16.63 2.02 1.56
CA THR A 431 -17.33 1.58 2.78
C THR A 431 -16.60 0.42 3.46
N ASN A 432 -16.63 0.35 4.80
CA ASN A 432 -15.97 -0.75 5.52
C ASN A 432 -16.58 -2.09 5.14
N ARG A 433 -15.70 -3.07 4.93
CA ARG A 433 -16.08 -4.44 4.56
C ARG A 433 -17.08 -5.06 5.54
N GLY A 434 -18.11 -5.70 5.01
CA GLY A 434 -19.09 -6.44 5.79
C GLY A 434 -19.92 -5.66 6.80
N PHE A 435 -19.90 -4.33 6.71
CA PHE A 435 -20.64 -3.49 7.66
C PHE A 435 -22.14 -3.38 7.36
N TYR A 436 -22.48 -3.21 6.09
CA TYR A 436 -23.86 -2.97 5.67
C TYR A 436 -24.32 -3.96 4.61
N ALA A 437 -25.52 -4.51 4.79
CA ALA A 437 -26.09 -5.47 3.85
C ALA A 437 -26.26 -4.89 2.44
N ASP A 438 -26.68 -3.61 2.38
CA ASP A 438 -27.04 -2.99 1.11
C ASP A 438 -25.94 -2.09 0.53
N LYS A 439 -24.94 -1.74 1.35
CA LYS A 439 -23.84 -0.90 0.91
C LYS A 439 -22.50 -1.61 1.10
N GLN A 440 -21.95 -2.11 0.00
CA GLN A 440 -20.70 -2.85 -0.01
C GLN A 440 -19.51 -1.91 -0.12
N SER A 441 -18.32 -2.43 0.21
CA SER A 441 -17.09 -1.73 -0.12
C SER A 441 -17.08 -1.45 -1.62
N THR A 442 -16.74 -0.22 -1.98
CA THR A 442 -16.85 0.22 -3.37
C THR A 442 -15.72 1.20 -3.72
N PHE A 443 -15.64 1.59 -4.99
CA PHE A 443 -14.71 2.65 -5.39
C PHE A 443 -15.20 3.95 -4.77
N ALA A 444 -14.33 4.61 -4.01
CA ALA A 444 -14.64 5.93 -3.46
C ALA A 444 -14.58 6.96 -4.59
N PRO A 445 -15.28 8.10 -4.41
CA PRO A 445 -15.04 9.18 -5.36
C PRO A 445 -13.56 9.58 -5.29
N SER A 446 -12.92 9.67 -6.43
CA SER A 446 -11.54 10.13 -6.51
C SER A 446 -11.48 11.64 -6.28
N PHE A 447 -10.30 12.14 -5.93
CA PHE A 447 -10.09 13.58 -5.80
C PHE A 447 -8.65 13.94 -6.17
N LEU A 448 -8.37 15.24 -6.27
CA LEU A 448 -7.04 15.66 -6.71
C LEU A 448 -6.13 16.02 -5.55
N LEU A 449 -4.86 15.62 -5.66
CA LEU A 449 -3.81 16.07 -4.77
C LEU A 449 -2.76 16.83 -5.59
N ASN A 450 -2.54 18.08 -5.21
CA ASN A 450 -1.52 18.91 -5.83
C ASN A 450 -0.18 18.60 -5.18
N ILE A 451 0.85 18.42 -6.01
CA ILE A 451 2.21 18.17 -5.52
C ILE A 451 3.22 19.10 -6.21
N LYS A 452 3.97 19.84 -5.40
CA LYS A 452 5.05 20.69 -5.89
C LYS A 452 6.19 20.72 -4.88
N GLY A 453 7.40 20.41 -5.36
CA GLY A 453 8.59 20.32 -4.52
C GLY A 453 8.41 19.33 -3.38
N LYS A 454 8.50 19.82 -2.15
CA LYS A 454 8.30 18.96 -0.98
C LYS A 454 6.98 19.25 -0.25
N LYS A 455 5.99 19.77 -0.98
CA LYS A 455 4.71 20.11 -0.38
C LYS A 455 3.54 19.54 -1.18
N THR A 456 2.45 19.26 -0.47
CA THR A 456 1.22 18.77 -1.07
C THR A 456 0.03 19.54 -0.50
N SER A 457 -1.04 19.60 -1.29
CA SER A 457 -2.33 20.09 -0.79
C SER A 457 -3.45 19.45 -1.59
N VAL A 458 -4.53 19.08 -0.89
CA VAL A 458 -5.73 18.59 -1.53
C VAL A 458 -6.32 19.74 -2.35
N VAL A 459 -6.71 19.44 -3.59
CA VAL A 459 -7.30 20.47 -4.45
C VAL A 459 -8.74 20.70 -4.03
N LYS A 460 -9.07 21.97 -3.77
CA LYS A 460 -10.40 22.38 -3.34
C LYS A 460 -11.46 21.93 -4.35
N ASP A 461 -12.52 21.30 -3.84
CA ASP A 461 -13.65 20.85 -4.64
C ASP A 461 -13.21 20.13 -5.92
N SER A 462 -12.39 19.10 -5.74
CA SER A 462 -11.84 18.36 -6.88
C SER A 462 -12.35 16.92 -6.90
N ILE A 463 -13.52 16.69 -6.32
CA ILE A 463 -14.10 15.35 -6.28
C ILE A 463 -14.53 14.90 -7.68
N LEU A 464 -14.02 13.74 -8.08
CA LEU A 464 -14.31 13.16 -9.38
C LEU A 464 -15.34 12.05 -9.24
N GLU A 465 -15.48 11.22 -10.27
CA GLU A 465 -16.37 10.06 -10.23
C GLU A 465 -15.79 8.94 -9.35
N GLN A 466 -16.65 8.01 -8.94
CA GLN A 466 -16.21 6.85 -8.16
C GLN A 466 -15.25 5.98 -8.97
N GLY A 467 -14.02 5.86 -8.46
CA GLY A 467 -12.99 5.05 -9.11
C GLY A 467 -12.36 5.64 -10.37
N GLN A 468 -12.57 6.94 -10.60
CA GLN A 468 -11.94 7.63 -11.73
C GLN A 468 -10.42 7.66 -11.56
N LEU A 469 -9.71 7.28 -12.62
CA LEU A 469 -8.25 7.12 -12.58
C LEU A 469 -7.44 8.30 -13.10
N THR A 470 -8.01 9.03 -14.07
CA THR A 470 -7.29 10.13 -14.71
C THR A 470 -8.11 11.42 -14.72
N VAL A 471 -7.40 12.55 -14.76
CA VAL A 471 -8.04 13.85 -14.92
C VAL A 471 -8.58 13.94 -16.34
N ASN A 472 -7.73 13.62 -17.31
CA ASN A 472 -8.09 13.66 -18.73
C ASN A 472 -9.10 12.57 -19.11
N LYS A 473 -10.01 12.90 -20.02
CA LYS A 473 -11.13 12.01 -20.37
C LYS A 473 -11.15 11.65 -21.86
C1 FRU B . -4.90 -2.58 3.08
C2 FRU B . -4.63 -4.08 3.32
C3 FRU B . -3.39 -4.53 2.55
C4 FRU B . -3.64 -6.01 2.34
C5 FRU B . -5.15 -6.06 2.13
C6 FRU B . -5.78 -7.31 2.70
O1 FRU B . -6.31 -2.31 3.15
O2 FRU B . -4.45 -4.33 4.72
O3 FRU B . -2.18 -4.25 3.27
O4 FRU B . -2.95 -6.53 1.20
O5 FRU B . -5.68 -4.90 2.79
O6 FRU B . -6.99 -7.44 2.66
C1 GLC B . -5.64 -4.59 5.49
C2 GLC B . -5.72 -3.70 6.72
C3 GLC B . -4.63 -4.05 7.74
C4 GLC B . -4.65 -5.55 8.06
C5 GLC B . -4.58 -6.36 6.77
C6 GLC B . -4.71 -7.86 7.01
O2 GLC B . -5.57 -2.32 6.37
O3 GLC B . -4.79 -3.27 8.93
O4 GLC B . -3.55 -5.86 8.93
O5 GLC B . -5.65 -5.97 5.89
O6 GLC B . -5.95 -8.12 7.65
C1 GLA B . -6.19 -9.47 8.02
C2 GLA B . -7.59 -9.58 8.63
C3 GLA B . -7.64 -8.89 10.00
C4 GLA B . -6.56 -9.45 10.93
C5 GLA B . -5.19 -9.33 10.25
C6 GLA B . -4.08 -9.95 11.09
O2 GLA B . -8.56 -9.01 7.74
O3 GLA B . -8.94 -9.04 10.59
O4 GLA B . -6.84 -10.82 11.23
O5 GLA B . -5.20 -9.96 8.95
O6 GLA B . -2.84 -9.86 10.37
CA CA C . 7.20 -6.46 14.09
#